data_3EWP
#
_entry.id   3EWP
#
_cell.length_a   41.364
_cell.length_b   43.985
_cell.length_c   49.266
_cell.angle_alpha   78.25
_cell.angle_beta   79.45
_cell.angle_gamma   73.39
#
_symmetry.space_group_name_H-M   'P 1'
#
loop_
_entity.id
_entity.type
_entity.pdbx_description
1 polymer 'Non-structural protein 3'
2 non-polymer ADENOSINE-5-DIPHOSPHORIBOSE
3 water water
#
_entity_poly.entity_id   1
_entity_poly.type   'polypeptide(L)'
_entity_poly.pdbx_seq_one_letter_code
;LGSVKPATCEKPKFLEYKTCVGDLAVVIAKALDEFKEFCIVNAANEHMSHGGGVAKAIADFCGPDFVEYCADYVKKHGPQ
QKLVTPSFVKGIQCVNNVVGPRHGDSNLREKLVAAYKSVLVGGVVNYVVPVLSSGIFGVDFKISIDAMREAFKGCAIRVL
LFSLSQEHIDYFDATCK
;
_entity_poly.pdbx_strand_id   A,B
#
loop_
_chem_comp.id
_chem_comp.type
_chem_comp.name
_chem_comp.formula
APR non-polymer ADENOSINE-5-DIPHOSPHORIBOSE 'C15 H23 N5 O14 P2'
#
# COMPACT_ATOMS: atom_id res chain seq x y z
N LEU A 1 26.02 3.33 18.58
CA LEU A 1 25.46 2.28 17.67
C LEU A 1 25.61 2.59 16.16
N GLY A 2 26.26 3.71 15.86
CA GLY A 2 26.57 4.11 14.48
C GLY A 2 25.44 4.91 13.85
N SER A 3 25.68 5.46 12.66
CA SER A 3 24.60 6.20 11.97
C SER A 3 24.17 5.61 10.63
N VAL A 4 22.91 5.86 10.27
CA VAL A 4 22.38 5.37 9.00
C VAL A 4 22.98 6.24 7.89
N LYS A 5 23.15 5.67 6.69
CA LYS A 5 23.62 6.46 5.54
C LYS A 5 22.69 7.68 5.32
N PRO A 6 23.28 8.90 5.24
CA PRO A 6 22.48 10.14 5.14
C PRO A 6 21.60 10.25 3.88
N ALA A 7 20.45 10.90 4.07
CA ALA A 7 19.48 11.18 3.01
C ALA A 7 20.06 11.96 1.84
N THR A 8 19.57 11.65 0.62
CA THR A 8 19.83 12.52 -0.54
C THR A 8 18.75 13.59 -0.69
N CYS A 9 17.68 13.47 0.11
CA CYS A 9 16.65 14.52 0.21
C CYS A 9 17.09 15.56 1.25
N GLU A 10 16.71 16.81 1.03
CA GLU A 10 17.01 17.84 2.04
C GLU A 10 15.82 18.01 2.99
N LYS A 11 16.12 18.46 4.20
CA LYS A 11 15.10 18.68 5.21
C LYS A 11 14.16 19.79 4.78
N PRO A 12 12.89 19.69 5.17
CA PRO A 12 12.00 20.78 4.77
C PRO A 12 12.24 21.99 5.65
N LYS A 13 11.61 23.11 5.31
CA LYS A 13 11.78 24.37 6.04
C LYS A 13 11.11 24.27 7.41
N PHE A 14 10.03 23.49 7.46
CA PHE A 14 9.26 23.28 8.69
C PHE A 14 8.72 21.87 8.67
N LEU A 15 8.22 21.42 9.82
CA LEU A 15 7.49 20.14 9.89
C LEU A 15 6.38 20.06 8.84
N GLU A 16 6.39 18.99 8.04
CA GLU A 16 5.33 18.72 7.07
C GLU A 16 4.66 17.34 7.32
N TYR A 17 3.33 17.35 7.38
CA TYR A 17 2.58 16.11 7.62
C TYR A 17 1.82 15.69 6.35
N LYS A 18 1.78 14.39 6.09
CA LYS A 18 0.87 13.77 5.09
C LYS A 18 0.20 12.62 5.83
N THR A 19 -0.88 12.09 5.28
CA THR A 19 -1.58 10.94 5.88
C THR A 19 -1.95 9.89 4.82
N CYS A 20 -2.22 8.66 5.25
CA CYS A 20 -2.68 7.61 4.32
C CYS A 20 -3.43 6.61 5.15
N VAL A 21 -4.66 6.30 4.75
CA VAL A 21 -5.41 5.22 5.37
C VAL A 21 -5.28 3.99 4.46
N GLY A 22 -5.02 2.83 5.06
CA GLY A 22 -5.19 1.60 4.33
C GLY A 22 -4.09 0.60 4.63
N ASP A 23 -4.06 -0.44 3.80
CA ASP A 23 -3.06 -1.50 3.92
C ASP A 23 -1.65 -0.95 3.72
N LEU A 24 -0.69 -1.59 4.37
CA LEU A 24 0.71 -1.20 4.25
C LEU A 24 1.19 -0.94 2.79
N ALA A 25 0.87 -1.84 1.88
CA ALA A 25 1.30 -1.68 0.48
C ALA A 25 0.83 -0.33 -0.17
N VAL A 26 -0.38 0.10 0.18
CA VAL A 26 -0.99 1.34 -0.26
C VAL A 26 -0.24 2.52 0.34
N VAL A 27 0.04 2.44 1.63
CA VAL A 27 0.91 3.42 2.32
C VAL A 27 2.29 3.59 1.66
N ILE A 28 3.03 2.48 1.51
CA ILE A 28 4.34 2.48 0.90
C ILE A 28 4.26 2.95 -0.57
N ALA A 29 3.18 2.55 -1.25
CA ALA A 29 2.96 3.05 -2.60
C ALA A 29 2.96 4.58 -2.62
N LYS A 30 2.21 5.18 -1.67
CA LYS A 30 2.19 6.61 -1.55
C LYS A 30 3.57 7.15 -1.16
N ALA A 31 4.19 6.59 -0.10
CA ALA A 31 5.50 7.08 0.37
C ALA A 31 6.60 7.03 -0.74
N LEU A 32 6.65 5.95 -1.54
CA LEU A 32 7.66 5.82 -2.58
C LEU A 32 7.53 6.87 -3.69
N ASP A 33 6.30 7.26 -4.01
CA ASP A 33 6.08 8.32 -4.95
C ASP A 33 6.39 9.73 -4.38
N GLU A 34 6.03 10.00 -3.12
CA GLU A 34 6.19 11.32 -2.47
C GLU A 34 7.54 11.61 -1.87
N PHE A 35 8.13 10.60 -1.21
CA PHE A 35 9.46 10.68 -0.60
C PHE A 35 10.48 9.95 -1.49
N LYS A 36 11.62 10.50 -1.85
CA LYS A 36 12.38 9.56 -2.69
C LYS A 36 12.99 8.43 -1.80
N GLU A 37 13.32 8.80 -0.58
CA GLU A 37 13.75 7.82 0.43
C GLU A 37 13.15 8.19 1.79
N PHE A 38 12.97 7.17 2.64
CA PHE A 38 12.35 7.38 3.94
C PHE A 38 12.69 6.24 4.91
N CYS A 39 12.46 6.52 6.17
CA CYS A 39 12.42 5.51 7.20
C CYS A 39 10.98 5.09 7.47
N ILE A 40 10.74 3.78 7.55
CA ILE A 40 9.44 3.32 7.98
C ILE A 40 9.55 2.88 9.45
N VAL A 41 8.58 3.35 10.23
CA VAL A 41 8.56 3.04 11.64
C VAL A 41 7.69 1.80 11.84
N ASN A 42 8.19 0.84 12.62
CA ASN A 42 7.44 -0.34 12.96
C ASN A 42 7.02 -0.26 14.46
N ALA A 43 5.80 -0.71 14.72
CA ALA A 43 5.22 -0.74 16.07
C ALA A 43 5.55 -2.14 16.56
N ALA A 44 6.69 -2.26 17.25
CA ALA A 44 7.29 -3.54 17.57
C ALA A 44 7.02 -4.02 19.03
N ASN A 45 7.39 -5.28 19.33
CA ASN A 45 7.62 -5.70 20.74
C ASN A 45 9.11 -5.83 20.97
N GLU A 46 9.51 -5.91 22.25
CA GLU A 46 10.94 -5.95 22.57
C GLU A 46 11.66 -7.18 22.01
N HIS A 47 10.90 -8.22 21.64
CA HIS A 47 11.50 -9.43 21.09
C HIS A 47 11.72 -9.29 19.59
N MET A 48 11.11 -8.27 18.99
CA MET A 48 11.20 -8.07 17.54
C MET A 48 10.61 -9.26 16.82
N SER A 49 9.62 -9.90 17.45
CA SER A 49 8.94 -11.09 16.90
C SER A 49 7.97 -10.81 15.75
N HIS A 50 7.40 -9.60 15.67
CA HIS A 50 6.59 -9.21 14.47
C HIS A 50 5.43 -10.16 14.19
N GLY A 51 4.77 -10.64 15.25
CA GLY A 51 3.81 -11.77 15.09
C GLY A 51 2.42 -11.36 14.62
N GLY A 52 2.08 -10.07 14.76
CA GLY A 52 0.77 -9.56 14.35
C GLY A 52 0.83 -8.08 13.96
N GLY A 53 -0.32 -7.48 13.69
CA GLY A 53 -0.41 -6.03 13.47
C GLY A 53 0.39 -5.51 12.32
N VAL A 54 0.79 -4.25 12.39
CA VAL A 54 1.67 -3.71 11.35
C VAL A 54 3.07 -4.37 11.32
N ALA A 55 3.53 -4.89 12.46
CA ALA A 55 4.85 -5.53 12.52
C ALA A 55 4.91 -6.74 11.57
N LYS A 56 3.82 -7.50 11.56
CA LYS A 56 3.72 -8.71 10.73
C LYS A 56 3.73 -8.30 9.25
N ALA A 57 2.97 -7.26 8.89
CA ALA A 57 2.93 -6.78 7.51
C ALA A 57 4.32 -6.28 7.06
N ILE A 58 4.98 -5.53 7.95
CA ILE A 58 6.29 -4.99 7.64
C ILE A 58 7.29 -6.12 7.52
N ALA A 59 7.29 -7.04 8.51
CA ALA A 59 8.09 -8.27 8.40
C ALA A 59 7.86 -9.01 7.06
N ASP A 60 6.61 -9.21 6.68
CA ASP A 60 6.31 -9.95 5.44
C ASP A 60 6.82 -9.21 4.19
N PHE A 61 6.70 -7.88 4.23
CA PHE A 61 7.03 -7.03 3.10
C PHE A 61 8.56 -6.98 2.97
N CYS A 62 9.26 -6.65 4.06
CA CYS A 62 10.72 -6.55 4.02
C CYS A 62 11.42 -7.88 3.73
N GLY A 63 10.88 -8.96 4.27
CA GLY A 63 11.26 -10.32 3.82
C GLY A 63 12.18 -11.03 4.79
N PRO A 64 12.61 -12.27 4.44
CA PRO A 64 13.42 -13.11 5.36
C PRO A 64 14.78 -12.49 5.77
N ASP A 65 15.41 -11.69 4.89
CA ASP A 65 16.64 -11.00 5.34
C ASP A 65 16.33 -10.12 6.51
N PHE A 66 15.21 -9.40 6.43
CA PHE A 66 14.78 -8.52 7.55
C PHE A 66 14.44 -9.36 8.80
N VAL A 67 13.68 -10.44 8.61
CA VAL A 67 13.30 -11.31 9.70
C VAL A 67 14.58 -11.82 10.41
N GLU A 68 15.51 -12.30 9.59
CA GLU A 68 16.78 -12.88 10.06
C GLU A 68 17.63 -11.85 10.79
N TYR A 69 17.76 -10.64 10.24
CA TYR A 69 18.47 -9.55 10.92
C TYR A 69 17.98 -9.36 12.34
N CYS A 70 16.66 -9.20 12.50
CA CYS A 70 16.02 -8.99 13.84
C CYS A 70 16.19 -10.17 14.80
N ALA A 71 16.00 -11.40 14.31
CA ALA A 71 16.17 -12.59 15.16
C ALA A 71 17.63 -12.74 15.62
N ASP A 72 18.56 -12.52 14.70
CA ASP A 72 20.01 -12.55 15.05
C ASP A 72 20.37 -11.47 16.06
N TYR A 73 19.92 -10.25 15.85
CA TYR A 73 20.31 -9.16 16.73
C TYR A 73 19.75 -9.40 18.13
N VAL A 74 18.47 -9.77 18.21
CA VAL A 74 17.85 -10.05 19.51
C VAL A 74 18.57 -11.23 20.18
N LYS A 75 18.83 -12.29 19.41
CA LYS A 75 19.57 -13.46 19.96
C LYS A 75 20.89 -13.00 20.63
N LYS A 76 21.63 -12.08 19.99
CA LYS A 76 22.95 -11.66 20.47
C LYS A 76 22.96 -10.56 21.53
N HIS A 77 22.06 -9.58 21.41
CA HIS A 77 22.02 -8.43 22.32
C HIS A 77 20.84 -8.43 23.30
N GLY A 78 19.97 -9.43 23.19
CA GLY A 78 18.76 -9.51 23.97
C GLY A 78 17.63 -8.57 23.51
N PRO A 79 16.57 -8.46 24.33
CA PRO A 79 15.40 -7.65 23.94
C PRO A 79 15.74 -6.16 23.79
N GLN A 80 14.99 -5.47 22.92
CA GLN A 80 15.27 -4.09 22.52
C GLN A 80 14.01 -3.28 22.54
N GLN A 81 14.09 -2.11 23.15
CA GLN A 81 13.02 -1.11 23.14
C GLN A 81 12.99 -0.30 21.82
N LYS A 82 14.11 -0.32 21.09
CA LYS A 82 14.27 0.39 19.81
C LYS A 82 15.31 -0.37 19.02
N LEU A 83 15.00 -0.67 17.77
CA LEU A 83 16.03 -1.23 16.88
C LEU A 83 15.91 -0.70 15.47
N VAL A 84 16.97 -0.04 15.02
CA VAL A 84 17.02 0.46 13.67
C VAL A 84 17.72 -0.52 12.79
N THR A 85 16.99 -1.04 11.81
CA THR A 85 17.52 -2.15 11.01
C THR A 85 17.57 -1.79 9.55
N PRO A 86 18.35 -2.55 8.77
CA PRO A 86 18.11 -2.46 7.33
C PRO A 86 16.69 -2.83 6.91
N SER A 87 16.26 -2.36 5.74
CA SER A 87 14.91 -2.74 5.27
C SER A 87 15.00 -3.80 4.17
N PHE A 88 16.11 -3.83 3.44
CA PHE A 88 16.23 -4.63 2.17
C PHE A 88 15.24 -4.26 1.08
N VAL A 89 14.78 -3.02 1.15
CA VAL A 89 13.88 -2.41 0.14
C VAL A 89 14.49 -1.12 -0.34
N LYS A 90 14.66 -1.02 -1.66
CA LYS A 90 15.04 0.25 -2.26
C LYS A 90 14.13 1.43 -1.82
N GLY A 91 14.75 2.56 -1.45
CA GLY A 91 13.98 3.73 -1.09
C GLY A 91 13.67 3.71 0.39
N ILE A 92 13.82 2.56 1.04
CA ILE A 92 13.53 2.50 2.49
C ILE A 92 14.82 2.42 3.24
N GLN A 93 15.21 3.58 3.81
CA GLN A 93 16.55 3.77 4.33
C GLN A 93 16.79 2.84 5.48
N CYS A 94 15.77 2.64 6.29
CA CYS A 94 15.88 1.76 7.45
C CYS A 94 14.50 1.55 8.01
N VAL A 95 14.37 0.52 8.83
CA VAL A 95 13.14 0.31 9.59
C VAL A 95 13.52 0.68 11.01
N ASN A 96 12.78 1.59 11.60
CA ASN A 96 12.98 1.91 13.01
C ASN A 96 11.90 1.22 13.80
N ASN A 97 12.27 0.11 14.45
CA ASN A 97 11.31 -0.66 15.24
C ASN A 97 11.25 -0.08 16.63
N VAL A 98 10.10 0.51 16.99
CA VAL A 98 9.91 1.20 18.26
C VAL A 98 8.85 0.42 19.08
N VAL A 99 9.20 0.10 20.32
CA VAL A 99 8.25 -0.54 21.24
C VAL A 99 7.49 0.58 21.99
N GLY A 100 6.22 0.77 21.64
CA GLY A 100 5.37 1.72 22.35
C GLY A 100 4.90 1.19 23.70
N PRO A 101 4.35 2.07 24.55
CA PRO A 101 3.73 1.58 25.77
C PRO A 101 2.34 0.92 25.58
N ARG A 102 1.82 0.39 26.68
CA ARG A 102 0.58 -0.37 26.63
C ARG A 102 -0.54 0.23 27.54
N HIS A 103 -1.77 -0.20 27.29
CA HIS A 103 -2.95 0.26 28.05
C HIS A 103 -2.68 0.08 29.55
N GLY A 104 -2.92 1.12 30.34
CA GLY A 104 -2.73 1.06 31.80
C GLY A 104 -1.33 1.28 32.34
N ASP A 105 -0.35 1.45 31.45
CA ASP A 105 1.03 1.69 31.90
C ASP A 105 1.04 3.04 32.59
N SER A 106 1.86 3.17 33.61
CA SER A 106 1.89 4.43 34.37
C SER A 106 2.64 5.43 33.52
N ASN A 107 2.32 6.71 33.68
CA ASN A 107 3.01 7.78 32.90
C ASN A 107 2.86 7.56 31.40
N LEU A 108 1.67 7.12 30.99
CA LEU A 108 1.45 6.64 29.62
C LEU A 108 1.68 7.72 28.50
N ARG A 109 1.12 8.91 28.71
CA ARG A 109 1.39 10.08 27.84
C ARG A 109 2.89 10.34 27.58
N GLU A 110 3.65 10.50 28.66
CA GLU A 110 5.07 10.78 28.59
C GLU A 110 5.86 9.63 27.92
N LYS A 111 5.46 8.39 28.19
CA LYS A 111 6.03 7.25 27.48
C LYS A 111 5.72 7.30 25.97
N LEU A 112 4.50 7.71 25.57
CA LEU A 112 4.22 7.87 24.11
C LEU A 112 5.08 8.95 23.45
N VAL A 113 5.19 10.09 24.14
CA VAL A 113 6.01 11.18 23.65
C VAL A 113 7.44 10.70 23.40
N ALA A 114 8.03 10.02 24.39
CA ALA A 114 9.37 9.44 24.27
C ALA A 114 9.47 8.45 23.15
N ALA A 115 8.46 7.60 23.00
CA ALA A 115 8.49 6.65 21.89
C ALA A 115 8.58 7.40 20.56
N TYR A 116 7.71 8.38 20.32
CA TYR A 116 7.76 9.11 19.03
C TYR A 116 9.05 9.87 18.87
N LYS A 117 9.60 10.39 19.99
CA LYS A 117 10.90 11.08 19.90
C LYS A 117 11.99 10.14 19.43
N SER A 118 11.94 8.87 19.86
CA SER A 118 12.89 7.87 19.43
C SER A 118 12.77 7.47 17.94
N VAL A 119 11.72 7.97 17.27
CA VAL A 119 11.49 7.70 15.85
C VAL A 119 12.64 8.29 15.04
N LEU A 120 13.16 9.40 15.54
CA LEU A 120 14.12 10.16 14.76
C LEU A 120 15.47 9.42 14.60
N VAL A 121 15.99 9.43 13.40
CA VAL A 121 17.19 8.69 13.09
C VAL A 121 18.11 9.72 12.41
N GLY A 122 19.39 9.80 12.80
CA GLY A 122 20.31 10.82 12.20
C GLY A 122 20.44 10.64 10.69
N GLY A 123 20.25 11.71 9.92
CA GLY A 123 20.36 11.59 8.45
C GLY A 123 19.12 11.05 7.77
N VAL A 124 18.00 11.01 8.48
CA VAL A 124 16.75 10.64 7.85
C VAL A 124 15.92 11.91 7.98
N VAL A 125 15.25 12.31 6.91
CA VAL A 125 14.33 13.46 6.97
C VAL A 125 12.87 13.09 6.81
N ASN A 126 12.62 11.97 6.13
CA ASN A 126 11.25 11.55 5.76
C ASN A 126 10.88 10.24 6.49
N TYR A 127 9.70 10.21 7.11
CA TYR A 127 9.30 9.12 8.00
C TYR A 127 7.90 8.68 7.62
N VAL A 128 7.67 7.37 7.68
CA VAL A 128 6.36 6.82 7.50
C VAL A 128 6.03 6.15 8.87
N VAL A 129 4.98 6.63 9.52
CA VAL A 129 4.79 6.41 10.96
C VAL A 129 3.37 5.89 11.23
N PRO A 130 3.26 4.74 11.95
CA PRO A 130 1.92 4.30 12.29
C PRO A 130 1.51 4.94 13.59
N VAL A 131 0.26 4.72 13.99
CA VAL A 131 -0.21 5.23 15.26
C VAL A 131 0.23 4.20 16.31
N LEU A 132 1.39 4.47 16.92
CA LEU A 132 1.99 3.53 17.92
C LEU A 132 1.05 3.17 19.02
N SER A 133 1.08 1.90 19.44
CA SER A 133 0.40 1.46 20.66
C SER A 133 -1.11 1.37 20.56
N SER A 134 -1.68 1.75 19.42
CA SER A 134 -3.16 1.87 19.23
C SER A 134 -3.87 0.60 18.73
N GLY A 135 -3.09 -0.45 18.46
CA GLY A 135 -3.63 -1.74 18.01
C GLY A 135 -3.66 -2.68 19.21
N ILE A 136 -2.76 -3.64 19.23
CA ILE A 136 -2.82 -4.69 20.26
C ILE A 136 -2.22 -4.22 21.61
N PHE A 137 -1.50 -3.10 21.58
CA PHE A 137 -1.05 -2.46 22.80
C PHE A 137 -2.15 -1.72 23.55
N GLY A 138 -3.27 -1.54 22.87
CA GLY A 138 -4.52 -1.14 23.55
C GLY A 138 -4.65 0.33 23.90
N VAL A 139 -3.77 1.17 23.39
CA VAL A 139 -3.77 2.57 23.78
C VAL A 139 -4.72 3.42 22.90
N ASP A 140 -5.49 4.30 23.54
CA ASP A 140 -6.38 5.21 22.84
C ASP A 140 -5.63 6.00 21.74
N PHE A 141 -6.10 5.89 20.51
CA PHE A 141 -5.42 6.51 19.39
C PHE A 141 -5.22 8.00 19.48
N LYS A 142 -6.14 8.67 20.14
CA LYS A 142 -6.12 10.09 20.26
C LYS A 142 -4.90 10.50 21.08
N ILE A 143 -4.68 9.82 22.16
CA ILE A 143 -3.54 10.08 22.98
C ILE A 143 -2.20 9.77 22.32
N SER A 144 -2.15 8.76 21.48
CA SER A 144 -0.95 8.43 20.74
C SER A 144 -0.65 9.53 19.68
N ILE A 145 -1.67 9.96 18.95
CA ILE A 145 -1.51 11.03 17.98
C ILE A 145 -1.15 12.38 18.66
N ASP A 146 -1.82 12.72 19.75
CA ASP A 146 -1.42 13.89 20.56
C ASP A 146 0.07 13.90 20.95
N ALA A 147 0.52 12.77 21.48
CA ALA A 147 1.88 12.56 21.89
C ALA A 147 2.84 12.66 20.71
N MET A 148 2.42 12.15 19.53
CA MET A 148 3.27 12.30 18.34
C MET A 148 3.51 13.79 18.00
N ARG A 149 2.42 14.56 17.93
CA ARG A 149 2.49 15.97 17.56
C ARG A 149 3.36 16.74 18.54
N GLU A 150 3.25 16.40 19.82
CA GLU A 150 4.16 16.93 20.84
C GLU A 150 5.62 16.58 20.59
N ALA A 151 5.91 15.32 20.29
CA ALA A 151 7.27 14.90 20.04
C ALA A 151 7.88 15.53 18.77
N PHE A 152 7.08 15.69 17.71
CA PHE A 152 7.61 16.20 16.45
C PHE A 152 7.59 17.73 16.29
N LYS A 153 6.90 18.45 17.18
CA LYS A 153 6.74 19.90 17.07
C LYS A 153 8.14 20.53 16.95
N GLY A 154 8.28 21.50 16.05
CA GLY A 154 9.61 22.11 15.84
C GLY A 154 10.64 21.29 15.08
N CYS A 155 10.31 20.07 14.67
CA CYS A 155 11.27 19.22 13.95
C CYS A 155 11.15 19.47 12.42
N ALA A 156 12.28 19.66 11.75
CA ALA A 156 12.31 19.91 10.31
C ALA A 156 12.32 18.54 9.61
N ILE A 157 11.16 17.87 9.62
CA ILE A 157 11.06 16.51 9.02
C ILE A 157 9.74 16.38 8.30
N ARG A 158 9.61 15.32 7.49
CA ARG A 158 8.35 15.06 6.78
C ARG A 158 7.85 13.75 7.34
N VAL A 159 6.58 13.74 7.78
CA VAL A 159 5.97 12.58 8.44
C VAL A 159 4.71 12.22 7.68
N LEU A 160 4.71 11.01 7.13
CA LEU A 160 3.46 10.41 6.64
C LEU A 160 2.88 9.52 7.72
N LEU A 161 1.83 9.97 8.40
CA LEU A 161 1.12 9.14 9.39
C LEU A 161 0.13 8.21 8.68
N PHE A 162 0.08 6.95 9.12
CA PHE A 162 -0.82 5.99 8.52
C PHE A 162 -1.52 5.10 9.54
N SER A 163 -2.61 4.49 9.09
CA SER A 163 -3.39 3.58 9.93
C SER A 163 -4.33 2.83 9.02
N LEU A 164 -4.78 1.66 9.47
CA LEU A 164 -5.90 1.00 8.77
C LEU A 164 -7.19 1.80 8.98
N SER A 165 -7.21 2.61 10.05
CA SER A 165 -8.42 3.23 10.56
C SER A 165 -8.65 4.68 10.07
N GLN A 166 -9.74 4.86 9.33
CA GLN A 166 -10.13 6.18 8.84
C GLN A 166 -10.36 7.16 10.01
N GLU A 167 -10.90 6.65 11.09
CA GLU A 167 -11.19 7.45 12.29
C GLU A 167 -9.89 8.05 12.86
N HIS A 168 -8.80 7.28 12.85
CA HIS A 168 -7.50 7.76 13.35
C HIS A 168 -7.06 8.96 12.50
N ILE A 169 -7.14 8.78 11.18
CA ILE A 169 -6.68 9.84 10.29
C ILE A 169 -7.62 11.06 10.35
N ASP A 170 -8.93 10.83 10.46
CA ASP A 170 -9.86 11.97 10.66
C ASP A 170 -9.53 12.75 11.94
N TYR A 171 -9.22 12.03 13.01
CA TYR A 171 -8.75 12.69 14.21
C TYR A 171 -7.51 13.57 13.98
N PHE A 172 -6.48 13.00 13.36
CA PHE A 172 -5.29 13.80 13.06
C PHE A 172 -5.62 15.09 12.28
N ASP A 173 -6.51 14.99 11.29
CA ASP A 173 -6.95 16.15 10.53
C ASP A 173 -7.55 17.24 11.42
N ALA A 174 -8.19 16.83 12.51
CA ALA A 174 -8.78 17.72 13.53
C ALA A 174 -7.78 18.32 14.54
N THR A 175 -6.56 17.77 14.59
CA THR A 175 -5.47 18.35 15.37
C THR A 175 -4.79 19.44 14.55
N CYS A 176 -4.99 19.41 13.23
CA CYS A 176 -4.42 20.41 12.33
C CYS A 176 -5.32 21.65 12.22
N LYS A 177 -6.36 21.68 13.06
CA LYS A 177 -7.47 22.62 12.94
C LYS A 177 -7.08 24.09 13.28
N GLU B 10 -16.14 10.07 1.49
CA GLU B 10 -16.47 10.10 0.03
C GLU B 10 -16.30 8.72 -0.67
N LYS B 11 -16.43 7.68 0.14
CA LYS B 11 -16.97 6.43 -0.33
C LYS B 11 -18.29 6.67 -1.10
N PRO B 12 -18.56 5.80 -2.08
CA PRO B 12 -19.94 5.84 -2.60
C PRO B 12 -20.90 5.16 -1.59
N LYS B 13 -22.19 5.43 -1.72
CA LYS B 13 -23.18 4.67 -0.92
C LYS B 13 -23.25 3.19 -1.30
N PHE B 14 -22.99 2.87 -2.56
CA PHE B 14 -23.02 1.48 -3.06
C PHE B 14 -22.27 1.47 -4.38
N LEU B 15 -22.07 0.26 -4.90
CA LEU B 15 -21.31 0.03 -6.12
C LEU B 15 -21.76 0.93 -7.26
N GLU B 16 -20.80 1.61 -7.90
CA GLU B 16 -21.08 2.48 -9.06
C GLU B 16 -20.16 2.04 -10.16
N TYR B 17 -20.71 1.82 -11.35
CA TYR B 17 -19.90 1.46 -12.52
C TYR B 17 -19.84 2.58 -13.54
N LYS B 18 -18.73 2.60 -14.28
CA LYS B 18 -18.51 3.38 -15.48
C LYS B 18 -17.74 2.49 -16.49
N THR B 19 -17.71 2.91 -17.75
CA THR B 19 -17.03 2.15 -18.81
C THR B 19 -16.19 3.07 -19.67
N CYS B 20 -15.16 2.49 -20.28
CA CYS B 20 -14.34 3.18 -21.26
C CYS B 20 -13.78 2.19 -22.26
N VAL B 21 -13.97 2.49 -23.54
CA VAL B 21 -13.33 1.70 -24.58
C VAL B 21 -12.23 2.59 -25.10
N GLY B 22 -10.98 2.13 -24.97
CA GLY B 22 -9.86 2.89 -25.51
C GLY B 22 -8.56 2.42 -24.91
N ASP B 23 -7.44 2.97 -25.39
CA ASP B 23 -6.12 2.55 -24.92
C ASP B 23 -5.94 3.12 -23.52
N LEU B 24 -4.93 2.62 -22.80
CA LEU B 24 -4.73 3.00 -21.39
C LEU B 24 -4.69 4.49 -21.15
N ALA B 25 -4.00 5.19 -22.03
CA ALA B 25 -3.81 6.65 -21.95
C ALA B 25 -5.14 7.40 -21.85
N VAL B 26 -6.14 6.95 -22.60
CA VAL B 26 -7.41 7.68 -22.61
C VAL B 26 -8.23 7.28 -21.38
N VAL B 27 -8.12 6.00 -21.00
CA VAL B 27 -8.77 5.49 -19.80
C VAL B 27 -8.29 6.25 -18.56
N ILE B 28 -6.96 6.35 -18.41
CA ILE B 28 -6.37 7.04 -17.27
C ILE B 28 -6.79 8.52 -17.21
N ALA B 29 -6.81 9.19 -18.36
CA ALA B 29 -7.25 10.60 -18.42
C ALA B 29 -8.69 10.75 -17.92
N LYS B 30 -9.61 9.92 -18.43
CA LYS B 30 -10.98 9.79 -17.93
C LYS B 30 -11.07 9.48 -16.41
N ALA B 31 -10.35 8.46 -15.96
CA ALA B 31 -10.40 8.09 -14.54
C ALA B 31 -9.90 9.25 -13.66
N LEU B 32 -8.82 9.92 -14.09
CA LEU B 32 -8.33 11.04 -13.32
C LEU B 32 -9.36 12.18 -13.24
N ASP B 33 -10.05 12.41 -14.34
CA ASP B 33 -11.08 13.44 -14.39
C ASP B 33 -12.26 13.10 -13.48
N GLU B 34 -12.64 11.83 -13.43
CA GLU B 34 -13.89 11.43 -12.79
C GLU B 34 -13.71 10.88 -11.37
N PHE B 35 -12.57 10.24 -11.14
CA PHE B 35 -12.27 9.67 -9.83
C PHE B 35 -11.36 10.59 -9.03
N LYS B 36 -10.49 11.32 -9.69
CA LYS B 36 -9.49 12.12 -9.02
C LYS B 36 -8.32 11.32 -8.44
N GLU B 37 -8.61 10.18 -7.81
CA GLU B 37 -7.62 9.21 -7.36
C GLU B 37 -8.20 7.81 -7.30
N PHE B 38 -7.42 6.83 -7.72
CA PHE B 38 -7.91 5.48 -7.94
C PHE B 38 -6.77 4.49 -7.97
N CYS B 39 -7.11 3.21 -7.84
CA CYS B 39 -6.20 2.10 -8.06
C CYS B 39 -6.40 1.62 -9.51
N ILE B 40 -5.29 1.49 -10.24
CA ILE B 40 -5.32 0.78 -11.50
C ILE B 40 -4.98 -0.68 -11.32
N VAL B 41 -5.81 -1.53 -11.92
CA VAL B 41 -5.63 -2.96 -11.91
C VAL B 41 -4.88 -3.41 -13.19
N ASN B 42 -3.86 -4.25 -12.99
CA ASN B 42 -3.13 -4.74 -14.11
C ASN B 42 -3.49 -6.17 -14.29
N ALA B 43 -3.71 -6.59 -15.55
CA ALA B 43 -3.87 -8.04 -15.87
C ALA B 43 -2.49 -8.69 -16.05
N ALA B 44 -2.01 -9.27 -14.96
CA ALA B 44 -0.61 -9.63 -14.83
C ALA B 44 -0.40 -11.15 -14.99
N ASN B 45 0.84 -11.57 -15.20
CA ASN B 45 1.21 -12.97 -14.93
C ASN B 45 1.91 -12.98 -13.58
N GLU B 46 2.15 -14.16 -13.02
CA GLU B 46 2.70 -14.31 -11.71
C GLU B 46 4.18 -13.96 -11.60
N HIS B 47 4.87 -13.83 -12.74
CA HIS B 47 6.22 -13.31 -12.69
C HIS B 47 6.32 -11.78 -12.77
N MET B 48 5.16 -11.11 -12.92
CA MET B 48 5.09 -9.65 -13.11
C MET B 48 5.99 -9.17 -14.25
N SER B 49 5.96 -9.95 -15.34
CA SER B 49 6.77 -9.73 -16.51
C SER B 49 5.84 -8.99 -17.50
N HIS B 50 5.98 -7.67 -17.61
CA HIS B 50 4.86 -6.88 -18.15
C HIS B 50 5.10 -6.66 -19.64
N GLY B 51 5.01 -7.77 -20.38
CA GLY B 51 5.54 -7.81 -21.72
C GLY B 51 4.55 -7.45 -22.81
N GLY B 52 3.27 -7.60 -22.54
CA GLY B 52 2.26 -7.26 -23.57
C GLY B 52 0.93 -6.88 -22.95
N GLY B 53 -0.05 -6.56 -23.82
CA GLY B 53 -1.41 -6.33 -23.36
C GLY B 53 -1.43 -5.12 -22.46
N VAL B 54 -2.40 -5.06 -21.53
CA VAL B 54 -2.41 -3.93 -20.60
C VAL B 54 -1.18 -3.86 -19.75
N ALA B 55 -0.57 -5.01 -19.44
CA ALA B 55 0.62 -5.03 -18.56
C ALA B 55 1.71 -4.18 -19.18
N LYS B 56 2.03 -4.43 -20.44
CA LYS B 56 3.00 -3.57 -21.13
C LYS B 56 2.58 -2.10 -21.07
N ALA B 57 1.32 -1.82 -21.34
CA ALA B 57 0.86 -0.40 -21.35
C ALA B 57 1.05 0.25 -19.99
N ILE B 58 0.70 -0.49 -18.94
CA ILE B 58 0.88 0.03 -17.58
C ILE B 58 2.35 0.18 -17.16
N ALA B 59 3.20 -0.78 -17.57
CA ALA B 59 4.59 -0.63 -17.29
C ALA B 59 5.20 0.56 -18.05
N ASP B 60 4.78 0.76 -19.29
CA ASP B 60 5.32 1.91 -20.08
C ASP B 60 4.89 3.24 -19.48
N PHE B 61 3.64 3.29 -19.04
CA PHE B 61 3.00 4.47 -18.46
C PHE B 61 3.62 4.76 -17.11
N CYS B 62 3.68 3.75 -16.24
CA CYS B 62 4.25 3.94 -14.89
C CYS B 62 5.78 4.08 -14.83
N GLY B 63 6.46 3.47 -15.81
CA GLY B 63 7.88 3.64 -15.97
C GLY B 63 8.76 2.62 -15.28
N PRO B 64 10.09 2.77 -15.42
CA PRO B 64 11.15 1.90 -14.93
C PRO B 64 11.13 1.66 -13.41
N ASP B 65 10.68 2.64 -12.62
CA ASP B 65 10.62 2.40 -11.17
C ASP B 65 9.56 1.36 -10.82
N PHE B 66 8.47 1.37 -11.57
CA PHE B 66 7.40 0.39 -11.38
C PHE B 66 7.88 -1.00 -11.89
N VAL B 67 8.45 -1.05 -13.09
CA VAL B 67 8.95 -2.32 -13.62
C VAL B 67 9.99 -2.92 -12.62
N GLU B 68 10.91 -2.07 -12.13
CA GLU B 68 11.95 -2.46 -11.18
C GLU B 68 11.34 -2.94 -9.86
N TYR B 69 10.44 -2.14 -9.30
CA TYR B 69 9.67 -2.57 -8.10
C TYR B 69 9.15 -4.02 -8.23
N CYS B 70 8.37 -4.28 -9.29
CA CYS B 70 7.74 -5.58 -9.55
C CYS B 70 8.76 -6.68 -9.69
N ALA B 71 9.78 -6.46 -10.55
CA ALA B 71 10.88 -7.46 -10.76
C ALA B 71 11.59 -7.82 -9.43
N ASP B 72 11.99 -6.76 -8.71
CA ASP B 72 12.64 -6.93 -7.44
C ASP B 72 11.78 -7.71 -6.43
N TYR B 73 10.48 -7.45 -6.38
CA TYR B 73 9.59 -8.14 -5.45
C TYR B 73 9.51 -9.62 -5.73
N VAL B 74 9.36 -9.97 -7.01
CA VAL B 74 9.32 -11.38 -7.44
C VAL B 74 10.66 -12.08 -7.17
N LYS B 75 11.76 -11.37 -7.37
CA LYS B 75 13.10 -11.89 -7.03
C LYS B 75 13.14 -12.26 -5.55
N LYS B 76 12.63 -11.39 -4.68
CA LYS B 76 12.69 -11.62 -3.24
C LYS B 76 11.60 -12.58 -2.77
N HIS B 77 10.39 -12.45 -3.29
CA HIS B 77 9.29 -13.22 -2.73
C HIS B 77 8.77 -14.39 -3.55
N GLY B 78 9.37 -14.62 -4.72
CA GLY B 78 8.79 -15.62 -5.65
C GLY B 78 7.61 -15.03 -6.42
N PRO B 79 7.01 -15.84 -7.34
CA PRO B 79 5.82 -15.50 -8.12
C PRO B 79 4.61 -15.12 -7.24
N GLN B 80 3.81 -14.20 -7.75
CA GLN B 80 2.73 -13.59 -6.98
C GLN B 80 1.46 -13.67 -7.78
N GLN B 81 0.35 -13.98 -7.10
CA GLN B 81 -0.93 -13.99 -7.76
C GLN B 81 -1.60 -12.64 -7.65
N LYS B 82 -1.10 -11.79 -6.74
CA LYS B 82 -1.64 -10.44 -6.56
C LYS B 82 -0.49 -9.65 -5.96
N LEU B 83 -0.25 -8.47 -6.47
CA LEU B 83 0.80 -7.64 -5.96
C LEU B 83 0.42 -6.16 -6.12
N VAL B 84 0.27 -5.50 -4.97
CA VAL B 84 -0.05 -4.11 -4.91
C VAL B 84 1.28 -3.31 -4.87
N THR B 85 1.43 -2.36 -5.80
CA THR B 85 2.71 -1.65 -5.95
C THR B 85 2.55 -0.13 -5.97
N PRO B 86 3.65 0.60 -5.79
CA PRO B 86 3.61 1.99 -6.21
C PRO B 86 3.23 2.15 -7.70
N SER B 87 2.60 3.27 -8.04
CA SER B 87 2.35 3.59 -9.46
C SER B 87 3.34 4.61 -10.01
N PHE B 88 3.89 5.45 -9.11
CA PHE B 88 4.75 6.59 -9.47
C PHE B 88 4.06 7.61 -10.39
N VAL B 89 2.75 7.73 -10.23
CA VAL B 89 1.95 8.62 -11.05
C VAL B 89 0.99 9.27 -10.07
N LYS B 90 1.00 10.61 -10.01
CA LYS B 90 -0.03 11.39 -9.30
C LYS B 90 -1.48 10.96 -9.67
N GLY B 91 -2.27 10.73 -8.63
CA GLY B 91 -3.66 10.34 -8.79
C GLY B 91 -3.85 8.84 -8.87
N ILE B 92 -2.78 8.06 -9.07
CA ILE B 92 -2.89 6.60 -9.04
C ILE B 92 -2.31 6.12 -7.71
N GLN B 93 -3.20 5.75 -6.80
CA GLN B 93 -2.87 5.41 -5.44
C GLN B 93 -1.93 4.22 -5.44
N CYS B 94 -2.12 3.32 -6.39
CA CYS B 94 -1.30 2.10 -6.47
C CYS B 94 -1.69 1.32 -7.70
N VAL B 95 -0.82 0.40 -8.10
CA VAL B 95 -1.16 -0.62 -9.09
C VAL B 95 -1.44 -1.93 -8.37
N ASN B 96 -2.59 -2.54 -8.68
CA ASN B 96 -2.87 -3.87 -8.18
C ASN B 96 -2.75 -4.87 -9.34
N ASN B 97 -1.67 -5.64 -9.32
CA ASN B 97 -1.33 -6.57 -10.37
C ASN B 97 -2.02 -7.86 -9.99
N VAL B 98 -3.02 -8.25 -10.78
CA VAL B 98 -3.86 -9.44 -10.54
C VAL B 98 -3.64 -10.49 -11.62
N VAL B 99 -3.49 -11.75 -11.21
CA VAL B 99 -3.24 -12.82 -12.16
C VAL B 99 -4.53 -13.58 -12.43
N GLY B 100 -5.06 -13.41 -13.63
CA GLY B 100 -6.25 -14.19 -14.02
C GLY B 100 -5.90 -15.60 -14.49
N PRO B 101 -6.94 -16.48 -14.64
CA PRO B 101 -6.66 -17.77 -15.31
C PRO B 101 -6.36 -17.61 -16.80
N ARG B 102 -5.80 -18.67 -17.40
CA ARG B 102 -5.49 -18.71 -18.82
C ARG B 102 -6.49 -19.70 -19.43
N HIS B 103 -6.76 -19.59 -20.72
CA HIS B 103 -7.58 -20.59 -21.42
C HIS B 103 -7.08 -22.03 -21.13
N GLY B 104 -7.99 -22.90 -20.72
CA GLY B 104 -7.65 -24.28 -20.37
C GLY B 104 -6.90 -24.36 -19.04
N ASP B 105 -6.98 -23.30 -18.50
CA ASP B 105 -7.55 -23.44 -17.19
C ASP B 105 -8.96 -24.00 -17.28
N SER B 106 -9.19 -25.07 -16.53
CA SER B 106 -8.89 -25.06 -15.11
C SER B 106 -10.20 -25.06 -14.34
N ASN B 107 -11.12 -24.17 -14.71
CA ASN B 107 -12.20 -23.82 -13.81
C ASN B 107 -12.46 -22.30 -13.72
N LEU B 108 -12.89 -21.75 -14.83
CA LEU B 108 -12.66 -20.35 -15.13
C LEU B 108 -13.49 -19.38 -14.30
N ARG B 109 -14.79 -19.64 -14.19
CA ARG B 109 -15.68 -18.74 -13.47
C ARG B 109 -15.23 -18.52 -12.03
N GLU B 110 -14.94 -19.60 -11.30
CA GLU B 110 -14.55 -19.43 -9.89
C GLU B 110 -13.20 -18.75 -9.77
N LYS B 111 -12.26 -19.08 -10.67
CA LYS B 111 -10.96 -18.43 -10.67
C LYS B 111 -11.06 -16.94 -10.99
N LEU B 112 -11.92 -16.58 -11.94
CA LEU B 112 -12.16 -15.16 -12.24
C LEU B 112 -12.85 -14.37 -11.11
N VAL B 113 -13.79 -15.02 -10.42
CA VAL B 113 -14.39 -14.41 -9.21
C VAL B 113 -13.34 -14.15 -8.12
N ALA B 114 -12.49 -15.14 -7.85
CA ALA B 114 -11.44 -14.96 -6.88
C ALA B 114 -10.49 -13.83 -7.32
N ALA B 115 -10.21 -13.75 -8.62
CA ALA B 115 -9.29 -12.73 -9.17
C ALA B 115 -9.86 -11.30 -8.98
N TYR B 116 -11.12 -11.11 -9.37
CA TYR B 116 -11.80 -9.82 -9.20
C TYR B 116 -11.97 -9.49 -7.71
N LYS B 117 -12.34 -10.47 -6.88
CA LYS B 117 -12.40 -10.21 -5.43
C LYS B 117 -11.04 -9.71 -4.83
N SER B 118 -9.95 -10.22 -5.37
CA SER B 118 -8.59 -9.84 -4.93
C SER B 118 -8.19 -8.46 -5.38
N VAL B 119 -8.99 -7.86 -6.26
CA VAL B 119 -8.78 -6.43 -6.70
C VAL B 119 -8.90 -5.45 -5.51
N LEU B 120 -9.86 -5.73 -4.60
CA LEU B 120 -10.11 -4.78 -3.50
C LEU B 120 -8.89 -4.62 -2.64
N VAL B 121 -8.55 -3.38 -2.26
CA VAL B 121 -7.42 -3.13 -1.36
C VAL B 121 -7.90 -2.17 -0.24
N GLY B 122 -7.38 -2.35 0.99
CA GLY B 122 -7.77 -1.49 2.11
C GLY B 122 -7.36 -0.03 1.87
N GLY B 123 -8.31 0.87 1.98
CA GLY B 123 -8.05 2.32 1.83
C GLY B 123 -8.25 2.81 0.41
N VAL B 124 -8.76 1.93 -0.44
CA VAL B 124 -9.05 2.34 -1.81
C VAL B 124 -10.51 2.11 -2.13
N VAL B 125 -11.17 3.15 -2.64
CA VAL B 125 -12.58 3.07 -3.08
C VAL B 125 -12.79 3.08 -4.57
N ASN B 126 -11.91 3.76 -5.34
CA ASN B 126 -12.05 3.85 -6.78
C ASN B 126 -11.07 2.94 -7.51
N TYR B 127 -11.62 2.10 -8.40
CA TYR B 127 -10.82 1.12 -9.14
C TYR B 127 -11.02 1.26 -10.65
N VAL B 128 -9.91 1.09 -11.39
CA VAL B 128 -9.92 1.16 -12.85
C VAL B 128 -9.48 -0.22 -13.28
N VAL B 129 -10.38 -0.96 -13.91
CA VAL B 129 -10.28 -2.42 -14.02
C VAL B 129 -10.46 -2.90 -15.45
N PRO B 130 -9.43 -3.59 -16.01
CA PRO B 130 -9.53 -4.20 -17.33
C PRO B 130 -10.34 -5.51 -17.31
N VAL B 131 -10.74 -5.99 -18.49
CA VAL B 131 -11.44 -7.30 -18.52
C VAL B 131 -10.39 -8.40 -18.36
N LEU B 132 -10.21 -8.88 -17.14
CA LEU B 132 -9.15 -9.84 -16.85
C LEU B 132 -9.25 -11.08 -17.75
N SER B 133 -8.11 -11.60 -18.17
CA SER B 133 -8.01 -12.87 -18.89
C SER B 133 -8.51 -12.94 -20.32
N SER B 134 -8.90 -11.83 -20.86
CA SER B 134 -9.69 -11.86 -22.03
C SER B 134 -9.02 -11.13 -23.13
N GLY B 135 -7.72 -11.19 -23.15
CA GLY B 135 -6.92 -10.69 -24.23
C GLY B 135 -5.89 -11.73 -24.59
N ILE B 136 -4.69 -11.61 -24.01
CA ILE B 136 -3.44 -12.15 -24.57
C ILE B 136 -3.49 -13.64 -24.43
N PHE B 137 -4.27 -14.09 -23.47
CA PHE B 137 -4.73 -15.44 -23.53
C PHE B 137 -6.24 -15.60 -23.43
N GLY B 138 -6.90 -15.75 -24.58
CA GLY B 138 -8.31 -15.48 -24.69
C GLY B 138 -9.30 -16.35 -23.93
N VAL B 139 -9.51 -16.06 -22.67
CA VAL B 139 -10.68 -16.54 -21.99
C VAL B 139 -11.93 -15.79 -22.45
N ASP B 140 -13.04 -16.50 -22.57
CA ASP B 140 -14.31 -15.87 -22.93
C ASP B 140 -14.55 -14.66 -22.04
N PHE B 141 -14.73 -13.50 -22.67
CA PHE B 141 -14.94 -12.24 -21.97
C PHE B 141 -16.23 -12.21 -21.16
N LYS B 142 -17.22 -12.97 -21.60
CA LYS B 142 -18.51 -13.06 -20.89
C LYS B 142 -18.36 -13.67 -19.51
N ILE B 143 -17.47 -14.62 -19.33
CA ILE B 143 -17.39 -15.18 -18.01
C ILE B 143 -16.55 -14.29 -17.11
N SER B 144 -15.52 -13.64 -17.67
CA SER B 144 -14.74 -12.64 -16.95
C SER B 144 -15.70 -11.55 -16.44
N ILE B 145 -16.49 -10.96 -17.35
CA ILE B 145 -17.43 -9.91 -17.00
C ILE B 145 -18.50 -10.31 -15.96
N ASP B 146 -19.14 -11.45 -16.17
CA ASP B 146 -20.07 -11.98 -15.17
C ASP B 146 -19.34 -12.18 -13.85
N ALA B 147 -18.10 -12.70 -13.94
CA ALA B 147 -17.29 -13.01 -12.75
C ALA B 147 -17.05 -11.75 -11.94
N MET B 148 -16.75 -10.67 -12.66
CA MET B 148 -16.58 -9.37 -12.04
C MET B 148 -17.88 -8.92 -11.32
N ARG B 149 -19.01 -9.06 -11.99
CA ARG B 149 -20.29 -8.57 -11.40
C ARG B 149 -20.60 -9.31 -10.10
N GLU B 150 -20.36 -10.63 -10.10
CA GLU B 150 -20.49 -11.43 -8.88
C GLU B 150 -19.53 -10.95 -7.78
N ALA B 151 -18.27 -10.73 -8.17
CA ALA B 151 -17.21 -10.42 -7.23
C ALA B 151 -17.50 -9.14 -6.47
N PHE B 152 -18.09 -8.16 -7.16
CA PHE B 152 -18.22 -6.80 -6.61
C PHE B 152 -19.58 -6.49 -6.00
N LYS B 153 -20.51 -7.45 -6.09
CA LYS B 153 -21.86 -7.33 -5.52
C LYS B 153 -21.80 -6.89 -4.09
N GLY B 154 -22.51 -5.81 -3.75
CA GLY B 154 -22.59 -5.30 -2.37
C GLY B 154 -21.38 -4.53 -1.86
N CYS B 155 -20.37 -4.29 -2.72
CA CYS B 155 -19.17 -3.52 -2.30
C CYS B 155 -19.43 -2.06 -2.57
N ALA B 156 -19.13 -1.21 -1.59
CA ALA B 156 -19.25 0.22 -1.78
C ALA B 156 -17.95 0.77 -2.39
N ILE B 157 -17.84 0.54 -3.69
CA ILE B 157 -16.69 0.97 -4.50
C ILE B 157 -17.15 1.57 -5.84
N ARG B 158 -16.25 2.27 -6.52
CA ARG B 158 -16.57 2.73 -7.89
C ARG B 158 -15.61 2.02 -8.82
N VAL B 159 -16.14 1.51 -9.92
CA VAL B 159 -15.37 0.66 -10.80
C VAL B 159 -15.52 1.24 -12.19
N LEU B 160 -14.39 1.54 -12.82
CA LEU B 160 -14.38 1.92 -14.23
C LEU B 160 -13.79 0.74 -15.00
N LEU B 161 -14.67 -0.01 -15.63
CA LEU B 161 -14.29 -1.13 -16.47
C LEU B 161 -13.80 -0.62 -17.82
N PHE B 162 -12.63 -1.03 -18.25
CA PHE B 162 -12.14 -0.63 -19.58
C PHE B 162 -11.66 -1.82 -20.38
N SER B 163 -11.50 -1.60 -21.69
CA SER B 163 -11.14 -2.63 -22.63
C SER B 163 -10.82 -1.97 -23.98
N LEU B 164 -10.04 -2.64 -24.81
CA LEU B 164 -9.86 -2.16 -26.19
C LEU B 164 -11.09 -2.52 -27.04
N SER B 165 -11.82 -3.56 -26.64
CA SER B 165 -12.96 -4.04 -27.41
C SER B 165 -14.29 -3.45 -27.00
N GLN B 166 -14.99 -2.85 -27.98
CA GLN B 166 -16.36 -2.36 -27.80
C GLN B 166 -17.34 -3.45 -27.40
N GLU B 167 -17.11 -4.66 -27.89
CA GLU B 167 -17.96 -5.83 -27.62
C GLU B 167 -18.04 -6.20 -26.14
N HIS B 168 -16.89 -6.07 -25.47
CA HIS B 168 -16.78 -6.31 -24.02
C HIS B 168 -17.71 -5.37 -23.23
N ILE B 169 -17.66 -4.10 -23.55
CA ILE B 169 -18.43 -3.05 -22.87
C ILE B 169 -19.93 -3.11 -23.25
N ASP B 170 -20.22 -3.26 -24.54
CA ASP B 170 -21.59 -3.57 -25.01
C ASP B 170 -22.17 -4.72 -24.18
N TYR B 171 -21.39 -5.78 -24.00
CA TYR B 171 -21.85 -6.91 -23.21
C TYR B 171 -22.09 -6.50 -21.75
N PHE B 172 -21.13 -5.78 -21.17
CA PHE B 172 -21.31 -5.26 -19.82
C PHE B 172 -22.58 -4.37 -19.70
N ASP B 173 -22.80 -3.49 -20.67
CA ASP B 173 -23.96 -2.62 -20.69
C ASP B 173 -25.26 -3.40 -20.77
N ALA B 174 -25.20 -4.64 -21.25
CA ALA B 174 -26.38 -5.48 -21.49
C ALA B 174 -27.09 -5.90 -20.20
N THR B 175 -26.38 -5.81 -19.07
CA THR B 175 -26.92 -6.16 -17.74
C THR B 175 -27.16 -4.89 -16.91
N CYS B 176 -26.36 -3.87 -17.19
CA CYS B 176 -26.54 -2.51 -16.64
C CYS B 176 -27.55 -1.69 -17.45
N LYS B 177 -28.06 -2.28 -18.53
CA LYS B 177 -29.09 -1.71 -19.40
C LYS B 177 -30.35 -2.52 -19.10
N1 APR C . -1.15 -1.99 7.29
C2 APR C . -1.18 -0.69 7.67
N3 APR C . -1.39 -0.36 8.97
C4 APR C . -1.56 -1.31 9.91
C5 APR C . -1.54 -2.75 9.55
C6 APR C . -1.31 -3.05 8.12
N6 APR C . -1.28 -4.35 7.69
N7 APR C . -1.75 -3.46 10.67
C8 APR C . -1.91 -2.56 11.69
N9 APR C . -1.80 -1.29 11.21
C1' APR C . -1.89 0.01 11.94
C2' APR C . -3.09 0.14 12.87
O2' APR C . -4.22 0.55 12.09
C3' APR C . -2.59 1.12 13.94
O3' APR C . -2.40 2.43 13.40
O4' APR C . -0.71 0.17 12.74
C4' APR C . -1.30 0.31 14.01
C5' APR C . -0.37 0.05 15.19
O5' APR C . -1.14 -1.08 15.62
PA APR C . -0.42 -2.50 15.93
O1A APR C . 0.21 -2.96 14.66
O2A APR C . -1.34 -3.45 16.61
O3A APR C . 0.66 -1.92 17.00
PB APR C . 0.66 -1.77 18.65
O1B APR C . 1.79 -0.88 19.02
O2B APR C . -0.70 -1.48 19.17
O5D APR C . 1.03 -3.28 19.11
C5D APR C . 2.34 -3.77 19.32
O4D APR C . 1.53 -5.76 17.88
O1D APR C . 2.10 -7.94 17.35
C1D APR C . 2.34 -6.59 17.03
O2D APR C . 4.76 -7.31 17.12
C2D APR C . 3.82 -6.30 17.44
O3D APR C . 3.52 -7.21 19.61
C3D APR C . 3.77 -5.95 18.92
C4D APR C . 2.60 -5.03 18.54
N1 APR D . -5.09 -0.20 -23.24
C2 APR D . -6.28 -0.51 -22.69
N3 APR D . -6.67 -1.80 -22.53
C4 APR D . -5.90 -2.84 -22.97
C5 APR D . -4.59 -2.57 -23.61
C6 APR D . -4.22 -1.14 -23.72
N6 APR D . -3.06 -0.74 -24.28
N7 APR D . -4.08 -3.77 -23.93
C8 APR D . -4.96 -4.74 -23.52
N9 APR D . -6.05 -4.16 -22.96
C1' APR D . -7.24 -4.82 -22.37
C2' APR D . -7.90 -5.91 -23.22
O2' APR D . -8.69 -5.34 -24.23
C3' APR D . -8.66 -6.67 -22.14
O3' APR D . -9.89 -6.03 -21.78
O4' APR D . -6.91 -5.45 -21.13
C4' APR D . -7.75 -6.57 -20.91
C5' APR D . -6.88 -7.79 -20.62
O5' APR D . -6.14 -8.09 -21.80
PA APR D . -4.59 -8.54 -21.70
O1A APR D . -3.73 -7.36 -21.27
O2A APR D . -4.20 -9.31 -22.93
O3A APR D . -4.66 -9.49 -20.35
PB APR D . -4.90 -11.07 -20.13
O1B APR D . -5.29 -11.29 -18.67
O2B APR D . -5.71 -11.66 -21.27
O5D APR D . -3.45 -11.75 -20.24
C5D APR D . -2.44 -11.58 -19.22
O4D APR D . -0.94 -10.79 -20.86
O1D APR D . 1.21 -10.24 -21.41
C1D APR D . 0.14 -9.87 -20.58
O2D APR D . 1.89 -9.78 -18.82
C2D APR D . 0.51 -10.09 -19.12
O3D APR D . 1.20 -12.37 -19.18
C3D APR D . 0.11 -11.53 -18.86
C4D APR D . -1.05 -11.78 -19.83
#